data_8Q5J
#
_entry.id   8Q5J
#
_cell.length_a   121.270
_cell.length_b   46.890
_cell.length_c   75.730
_cell.angle_alpha   90.00
_cell.angle_beta   90.00
_cell.angle_gamma   90.00
#
_symmetry.space_group_name_H-M   'P 21 21 2'
#
loop_
_entity.id
_entity.type
_entity.pdbx_description
1 polymer 'Cytochrome P450 107B1'
2 non-polymer 'PROTOPORPHYRIN IX CONTAINING FE'
3 non-polymer 'MAGNESIUM ION'
4 water water
#
_entity_poly.entity_id   1
_entity_poly.type   'polypeptide(L)'
_entity_poly.pdbx_seq_one_letter_code
;MTVTTAGPASATEDLLPFRDPGFRADPYPYYARLRQEHPVYRHPVGLYVVSHYEDVARLIRNPSLSVQQLDFGPAAPIHH
TMLGKDAPDHTRLRRITNRWFTPKAVEEWSKVMRACVEAVLDEVEKGDGTLDAADGLSLKCTFETTCHIFGIEPTEMDAI
QRKTYEIGLSLGPGGNDEEARATTEAFAWFAEHIRRLVADKRARPGEGLIDAFIAAQDEGRMTEEEVVYSIFLFFAVGHL
DVKHLINHGIWLMTQRPELFAAYRDEPEARPGIINEILRIDTPESMVVRLTTQDTVIGDTTVPAGEALALLIASANRDPE
VFADPDTFDHTRPLAASQHLAFGSGMHGCAGQVLARAEADIVFSSIVNRFSGVELAGEPAYAHTEFLRTITHLPVRFR
;
_entity_poly.pdbx_strand_id   A
#
# COMPACT_ATOMS: atom_id res chain seq x y z
N GLU A 13 10.42 -16.66 -15.14
CA GLU A 13 11.16 -16.80 -13.86
C GLU A 13 12.56 -16.24 -14.05
N ASP A 14 13.50 -17.11 -14.39
CA ASP A 14 14.92 -16.73 -14.63
C ASP A 14 15.44 -15.78 -13.54
N LEU A 15 15.70 -14.51 -13.88
CA LEU A 15 16.38 -13.66 -12.86
C LEU A 15 15.38 -13.06 -11.87
N LEU A 16 14.08 -13.25 -12.12
CA LEU A 16 13.05 -12.78 -11.16
C LEU A 16 11.95 -13.86 -11.09
N PRO A 17 12.20 -14.96 -10.37
CA PRO A 17 11.24 -16.09 -10.30
C PRO A 17 10.09 -15.73 -9.35
N PHE A 18 9.06 -15.08 -9.89
CA PHE A 18 7.97 -14.50 -9.07
C PHE A 18 7.33 -15.45 -8.05
N ARG A 19 7.16 -16.72 -8.42
CA ARG A 19 6.40 -17.65 -7.52
C ARG A 19 7.34 -18.45 -6.62
N ASP A 20 8.65 -18.28 -6.81
CA ASP A 20 9.62 -19.03 -6.00
C ASP A 20 9.56 -18.58 -4.54
N PRO A 21 9.45 -19.51 -3.58
CA PRO A 21 9.38 -19.14 -2.17
C PRO A 21 10.63 -18.40 -1.65
N GLY A 22 11.80 -18.75 -2.15
CA GLY A 22 13.01 -18.05 -1.69
C GLY A 22 13.03 -16.61 -2.15
N PHE A 23 12.65 -16.39 -3.40
CA PHE A 23 12.54 -15.03 -3.95
C PHE A 23 11.50 -14.21 -3.16
N ARG A 24 10.36 -14.82 -2.89
CA ARG A 24 9.27 -14.09 -2.18
C ARG A 24 9.71 -13.73 -0.75
N ALA A 25 10.47 -14.61 -0.12
CA ALA A 25 10.95 -14.34 1.25
C ALA A 25 11.98 -13.20 1.24
N ASP A 26 12.89 -13.22 0.26
CA ASP A 26 13.97 -12.23 0.23
C ASP A 26 14.34 -11.91 -1.23
N PRO A 27 13.60 -10.99 -1.86
CA PRO A 27 13.86 -10.68 -3.26
C PRO A 27 15.01 -9.69 -3.47
N TYR A 28 15.48 -9.09 -2.39
CA TYR A 28 16.47 -7.99 -2.52
C TYR A 28 17.76 -8.42 -3.23
N PRO A 29 18.34 -9.61 -2.98
CA PRO A 29 19.55 -10.00 -3.70
C PRO A 29 19.29 -10.20 -5.21
N TYR A 30 18.06 -10.57 -5.53
CA TYR A 30 17.70 -10.72 -6.97
C TYR A 30 17.68 -9.35 -7.64
N TYR A 31 17.11 -8.36 -6.94
CA TYR A 31 17.08 -6.98 -7.48
C TYR A 31 18.51 -6.45 -7.66
N ALA A 32 19.37 -6.78 -6.70
CA ALA A 32 20.76 -6.27 -6.77
C ALA A 32 21.49 -6.84 -8.00
N ARG A 33 21.31 -8.13 -8.26
CA ARG A 33 21.91 -8.74 -9.46
C ARG A 33 21.34 -8.10 -10.75
N LEU A 34 20.03 -7.84 -10.76
CA LEU A 34 19.42 -7.18 -11.96
C LEU A 34 20.03 -5.79 -12.15
N ARG A 35 20.11 -5.03 -11.06
CA ARG A 35 20.65 -3.66 -11.21
C ARG A 35 22.07 -3.73 -11.78
N GLN A 36 22.80 -4.77 -11.41
CA GLN A 36 24.22 -4.82 -11.87
C GLN A 36 24.29 -5.30 -13.33
N GLU A 37 23.51 -6.30 -13.68
CA GLU A 37 23.68 -6.93 -15.01
C GLU A 37 22.64 -6.49 -16.04
N HIS A 38 21.40 -6.27 -15.62
CA HIS A 38 20.32 -5.98 -16.60
C HIS A 38 19.37 -4.90 -16.05
N PRO A 39 19.79 -3.62 -16.08
CA PRO A 39 18.98 -2.52 -15.54
C PRO A 39 17.60 -2.47 -16.22
N VAL A 40 17.54 -2.90 -17.48
CA VAL A 40 16.23 -3.04 -18.16
C VAL A 40 16.17 -4.51 -18.60
N TYR A 41 15.39 -5.31 -17.89
CA TYR A 41 15.43 -6.76 -18.11
C TYR A 41 14.14 -7.24 -18.78
N ARG A 42 14.30 -7.92 -19.91
CA ARG A 42 13.13 -8.47 -20.62
C ARG A 42 12.73 -9.79 -19.96
N HIS A 43 11.70 -9.75 -19.12
CA HIS A 43 11.30 -10.96 -18.36
C HIS A 43 10.45 -11.87 -19.25
N PRO A 44 10.60 -13.20 -19.11
CA PRO A 44 9.75 -14.14 -19.84
C PRO A 44 8.23 -13.90 -19.87
N VAL A 45 7.67 -13.35 -18.80
CA VAL A 45 6.25 -13.04 -18.72
C VAL A 45 5.83 -11.94 -19.72
N GLY A 46 6.79 -11.20 -20.28
CA GLY A 46 6.49 -10.15 -21.26
C GLY A 46 6.50 -8.73 -20.66
N LEU A 47 7.29 -8.58 -19.59
CA LEU A 47 7.47 -7.30 -18.90
C LEU A 47 8.93 -6.91 -19.09
N TYR A 48 9.17 -5.62 -19.30
CA TYR A 48 10.48 -5.04 -19.16
C TYR A 48 10.60 -4.52 -17.72
N VAL A 49 11.52 -5.11 -16.98
CA VAL A 49 11.69 -4.78 -15.56
C VAL A 49 12.79 -3.74 -15.40
N VAL A 50 12.46 -2.65 -14.71
CA VAL A 50 13.32 -1.51 -14.56
C VAL A 50 13.72 -1.39 -13.10
N SER A 51 15.03 -1.51 -12.82
CA SER A 51 15.49 -1.72 -11.44
C SER A 51 16.26 -0.56 -10.81
N HIS A 52 16.82 0.37 -11.59
CA HIS A 52 17.56 1.49 -11.02
C HIS A 52 16.63 2.61 -10.56
N TYR A 53 17.01 3.27 -9.46
CA TYR A 53 16.31 4.42 -8.95
C TYR A 53 16.15 5.48 -10.01
N GLU A 54 17.23 5.86 -10.71
CA GLU A 54 17.18 7.00 -11.62
C GLU A 54 16.14 6.72 -12.70
N ASP A 55 16.10 5.48 -13.19
CA ASP A 55 15.19 5.14 -14.28
C ASP A 55 13.75 4.99 -13.80
N VAL A 56 13.57 4.39 -12.61
CA VAL A 56 12.24 4.27 -12.06
C VAL A 56 11.66 5.65 -11.80
N ALA A 57 12.46 6.52 -11.15
CA ALA A 57 11.99 7.86 -10.82
C ALA A 57 11.57 8.64 -12.07
N ARG A 58 12.31 8.54 -13.16
CA ARG A 58 11.96 9.26 -14.38
C ARG A 58 10.70 8.66 -15.00
N LEU A 59 10.63 7.34 -15.07
CA LEU A 59 9.54 6.71 -15.79
C LEU A 59 8.22 6.88 -15.05
N ILE A 60 8.24 6.82 -13.72
CA ILE A 60 6.98 6.87 -13.02
C ILE A 60 6.37 8.28 -13.16
N ARG A 61 7.14 9.27 -13.60
CA ARG A 61 6.68 10.63 -13.86
C ARG A 61 6.50 10.93 -15.34
N ASN A 62 6.66 9.90 -16.18
CA ASN A 62 6.60 10.12 -17.61
C ASN A 62 5.15 10.03 -18.04
N PRO A 63 4.55 11.11 -18.60
CA PRO A 63 3.11 11.11 -18.85
C PRO A 63 2.71 10.26 -20.05
N SER A 64 3.70 9.75 -20.81
CA SER A 64 3.40 8.93 -21.97
C SER A 64 3.14 7.49 -21.57
N LEU A 65 3.47 7.10 -20.33
CA LEU A 65 3.17 5.74 -19.92
C LEU A 65 1.70 5.70 -19.54
N SER A 66 1.04 4.60 -19.92
CA SER A 66 -0.40 4.45 -19.72
C SER A 66 -0.68 3.39 -18.66
N VAL A 67 -1.71 3.58 -17.85
CA VAL A 67 -2.32 2.47 -17.12
C VAL A 67 -3.66 2.08 -17.77
N GLN A 68 -4.35 3.01 -18.40
CA GLN A 68 -5.69 2.75 -18.91
C GLN A 68 -5.67 1.69 -20.02
N GLN A 69 -4.57 1.64 -20.78
CA GLN A 69 -4.44 0.70 -21.91
C GLN A 69 -3.81 -0.63 -21.49
N LEU A 70 -3.41 -0.77 -20.22
CA LEU A 70 -2.91 -2.06 -19.75
C LEU A 70 -4.04 -3.03 -19.56
N ASP A 71 -3.77 -4.29 -19.91
CA ASP A 71 -4.66 -5.40 -19.63
C ASP A 71 -4.46 -5.83 -18.17
N PHE A 72 -5.47 -5.55 -17.35
CA PHE A 72 -5.46 -5.93 -15.93
C PHE A 72 -6.04 -7.33 -15.76
N GLY A 73 -6.38 -7.99 -16.86
CA GLY A 73 -6.95 -9.33 -16.78
C GLY A 73 -8.15 -9.40 -15.86
N PRO A 74 -8.12 -10.29 -14.83
CA PRO A 74 -9.24 -10.41 -13.94
C PRO A 74 -9.49 -9.19 -13.04
N ALA A 75 -8.51 -8.28 -12.94
CA ALA A 75 -8.66 -7.07 -12.15
C ALA A 75 -9.11 -5.88 -12.99
N ALA A 76 -9.68 -6.14 -14.18
CA ALA A 76 -10.21 -5.10 -15.07
C ALA A 76 -11.03 -4.02 -14.35
N PRO A 77 -11.87 -4.30 -13.33
CA PRO A 77 -12.66 -3.22 -12.70
C PRO A 77 -11.86 -2.09 -12.10
N ILE A 78 -10.54 -2.30 -11.91
CA ILE A 78 -9.72 -1.18 -11.46
C ILE A 78 -9.69 -0.07 -12.52
N HIS A 79 -9.99 -0.39 -13.77
CA HIS A 79 -10.13 0.65 -14.80
C HIS A 79 -11.34 1.58 -14.59
N HIS A 80 -12.24 1.28 -13.63
CA HIS A 80 -13.31 2.20 -13.27
C HIS A 80 -12.91 3.07 -12.07
N THR A 81 -11.61 3.14 -11.76
CA THR A 81 -11.12 3.93 -10.67
C THR A 81 -9.95 4.80 -11.15
N MET A 82 -9.56 5.76 -10.32
CA MET A 82 -8.46 6.63 -10.74
C MET A 82 -7.18 5.82 -11.01
N LEU A 83 -7.01 4.69 -10.29
CA LEU A 83 -5.79 3.90 -10.37
C LEU A 83 -5.64 3.26 -11.73
N GLY A 84 -6.75 3.07 -12.43
CA GLY A 84 -6.77 2.43 -13.72
C GLY A 84 -7.10 3.37 -14.86
N LYS A 85 -6.99 4.68 -14.68
CA LYS A 85 -7.31 5.65 -15.72
C LYS A 85 -6.12 6.55 -16.04
N ASP A 86 -6.06 6.95 -17.32
CA ASP A 86 -5.18 8.00 -17.77
C ASP A 86 -5.92 9.34 -17.76
N ALA A 87 -5.14 10.43 -17.89
CA ALA A 87 -5.76 11.74 -17.99
C ALA A 87 -6.50 11.82 -19.33
N PRO A 88 -7.63 12.54 -19.45
CA PRO A 88 -8.22 13.33 -18.37
C PRO A 88 -9.18 12.65 -17.39
N ASP A 89 -9.61 11.42 -17.69
CA ASP A 89 -10.46 10.69 -16.76
C ASP A 89 -9.79 10.55 -15.38
N HIS A 90 -8.48 10.37 -15.34
CA HIS A 90 -7.78 10.27 -14.05
C HIS A 90 -8.07 11.50 -13.18
N THR A 91 -7.91 12.67 -13.80
CA THR A 91 -8.08 13.94 -13.13
C THR A 91 -9.52 14.11 -12.62
N ARG A 92 -10.49 13.72 -13.46
CA ARG A 92 -11.91 13.76 -13.14
C ARG A 92 -12.16 13.00 -11.83
N LEU A 93 -11.66 11.77 -11.76
CA LEU A 93 -11.93 10.90 -10.63
C LEU A 93 -11.17 11.36 -9.40
N ARG A 94 -9.88 11.72 -9.57
CA ARG A 94 -9.06 12.06 -8.42
C ARG A 94 -9.55 13.36 -7.77
N ARG A 95 -10.09 14.30 -8.58
CA ARG A 95 -10.60 15.55 -8.05
C ARG A 95 -11.81 15.36 -7.14
N ILE A 96 -12.54 14.26 -7.29
CA ILE A 96 -13.65 13.98 -6.41
C ILE A 96 -13.16 13.71 -4.98
N THR A 97 -12.04 13.00 -4.83
CA THR A 97 -11.60 12.56 -3.52
C THR A 97 -10.52 13.42 -2.89
N ASN A 98 -9.93 14.37 -3.64
CA ASN A 98 -8.77 15.08 -3.11
C ASN A 98 -9.05 15.73 -1.75
N ARG A 99 -10.23 16.37 -1.57
CA ARG A 99 -10.52 17.09 -0.35
C ARG A 99 -10.66 16.17 0.87
N TRP A 100 -10.80 14.85 0.64
CA TRP A 100 -11.00 13.90 1.73
C TRP A 100 -9.71 13.43 2.39
N PHE A 101 -8.56 13.74 1.79
CA PHE A 101 -7.29 13.18 2.20
C PHE A 101 -6.19 14.22 2.38
N THR A 102 -6.58 15.50 2.47
CA THR A 102 -5.67 16.60 2.76
C THR A 102 -5.21 16.55 4.22
N PRO A 103 -4.13 17.28 4.60
CA PRO A 103 -3.77 17.40 6.03
C PRO A 103 -4.92 17.86 6.91
N LYS A 104 -5.73 18.79 6.41
CA LYS A 104 -6.88 19.24 7.20
C LYS A 104 -7.85 18.10 7.47
N ALA A 105 -8.22 17.34 6.43
CA ALA A 105 -9.16 16.23 6.58
C ALA A 105 -8.57 15.17 7.52
N VAL A 106 -7.27 14.94 7.39
CA VAL A 106 -6.58 13.93 8.15
C VAL A 106 -6.54 14.28 9.64
N GLU A 107 -6.57 15.57 9.98
CA GLU A 107 -6.72 15.93 11.40
C GLU A 107 -7.93 15.24 12.02
N GLU A 108 -9.07 15.17 11.32
CA GLU A 108 -10.29 14.54 11.80
C GLU A 108 -10.10 13.03 11.86
N TRP A 109 -9.51 12.49 10.79
CA TRP A 109 -9.37 11.06 10.71
C TRP A 109 -8.41 10.55 11.80
N SER A 110 -7.43 11.39 12.13
CA SER A 110 -6.44 11.04 13.13
C SER A 110 -7.13 10.85 14.47
N LYS A 111 -8.14 11.66 14.79
CA LYS A 111 -8.80 11.47 16.08
C LYS A 111 -9.48 10.10 16.16
N VAL A 112 -10.06 9.66 15.03
CA VAL A 112 -10.73 8.37 14.99
C VAL A 112 -9.70 7.25 15.12
N MET A 113 -8.61 7.35 14.36
CA MET A 113 -7.57 6.34 14.43
C MET A 113 -7.00 6.24 15.86
N ARG A 114 -6.75 7.40 16.46
CA ARG A 114 -6.18 7.43 17.80
C ARG A 114 -7.13 6.75 18.79
N ALA A 115 -8.44 7.08 18.74
CA ALA A 115 -9.37 6.46 19.64
C ALA A 115 -9.41 4.95 19.47
N CYS A 116 -9.36 4.46 18.23
N CYS A 116 -9.39 4.48 18.22
CA CYS A 116 -9.38 3.04 17.98
CA CYS A 116 -9.39 3.04 17.94
C CYS A 116 -8.12 2.38 18.56
C CYS A 116 -8.14 2.39 18.52
N VAL A 117 -6.97 2.97 18.27
CA VAL A 117 -5.69 2.41 18.75
C VAL A 117 -5.67 2.40 20.29
N GLU A 118 -6.13 3.49 20.87
CA GLU A 118 -6.02 3.61 22.32
C GLU A 118 -6.95 2.59 22.98
N ALA A 119 -8.12 2.33 22.37
CA ALA A 119 -9.05 1.33 22.89
C ALA A 119 -8.47 -0.09 22.80
N VAL A 120 -7.77 -0.41 21.71
CA VAL A 120 -7.11 -1.70 21.62
C VAL A 120 -6.05 -1.84 22.70
N LEU A 121 -5.22 -0.81 22.88
CA LEU A 121 -4.15 -0.91 23.87
C LEU A 121 -4.73 -0.95 25.30
N ASP A 122 -5.89 -0.30 25.53
CA ASP A 122 -6.52 -0.40 26.84
C ASP A 122 -6.86 -1.85 27.14
N GLU A 123 -7.41 -2.57 26.16
CA GLU A 123 -7.75 -3.98 26.40
C GLU A 123 -6.51 -4.83 26.68
N VAL A 124 -5.46 -4.54 25.94
CA VAL A 124 -4.17 -5.16 26.14
C VAL A 124 -3.62 -4.92 27.55
N GLU A 125 -3.64 -3.66 27.99
CA GLU A 125 -3.04 -3.32 29.27
C GLU A 125 -3.87 -3.86 30.42
N LYS A 126 -5.19 -3.98 30.24
CA LYS A 126 -6.05 -4.57 31.26
C LYS A 126 -5.95 -6.09 31.31
N GLY A 127 -5.43 -6.72 30.23
CA GLY A 127 -5.26 -8.17 30.16
C GLY A 127 -3.82 -8.52 30.45
N ASP A 128 -3.25 -9.47 29.70
CA ASP A 128 -1.95 -10.00 29.98
C ASP A 128 -0.88 -9.39 29.08
N GLY A 129 -1.23 -8.33 28.34
CA GLY A 129 -0.22 -7.60 27.63
C GLY A 129 0.04 -8.16 26.23
N THR A 130 -0.67 -9.23 25.84
CA THR A 130 -0.40 -9.83 24.53
C THR A 130 -1.44 -9.42 23.50
N LEU A 131 -1.01 -9.45 22.23
CA LEU A 131 -1.81 -8.95 21.13
C LEU A 131 -1.28 -9.53 19.82
N ASP A 132 -2.18 -9.88 18.88
CA ASP A 132 -1.74 -10.08 17.50
C ASP A 132 -1.84 -8.71 16.84
N ALA A 133 -0.69 -8.05 16.69
CA ALA A 133 -0.64 -6.67 16.25
C ALA A 133 -1.12 -6.51 14.80
N ALA A 134 -1.24 -7.61 14.06
CA ALA A 134 -1.67 -7.55 12.67
C ALA A 134 -3.21 -7.49 12.66
N ASP A 135 -3.87 -8.62 12.87
CA ASP A 135 -5.33 -8.63 12.83
C ASP A 135 -5.94 -7.75 13.92
N GLY A 136 -5.27 -7.70 15.08
CA GLY A 136 -5.85 -7.07 16.26
C GLY A 136 -5.52 -5.60 16.41
N LEU A 137 -4.69 -5.00 15.52
CA LEU A 137 -4.32 -3.62 15.69
C LEU A 137 -4.20 -2.95 14.33
N SER A 138 -3.21 -3.35 13.53
CA SER A 138 -2.96 -2.61 12.30
C SER A 138 -4.13 -2.75 11.32
N LEU A 139 -4.64 -3.97 11.17
CA LEU A 139 -5.82 -4.14 10.32
C LEU A 139 -7.03 -3.46 10.95
N LYS A 140 -7.29 -3.78 12.22
CA LYS A 140 -8.51 -3.35 12.86
C LYS A 140 -8.65 -1.83 12.77
N CYS A 141 -7.59 -1.10 13.11
CA CYS A 141 -7.68 0.34 13.30
C CYS A 141 -7.66 1.08 11.97
N THR A 142 -6.89 0.60 11.00
CA THR A 142 -6.95 1.21 9.67
C THR A 142 -8.29 0.95 9.00
N PHE A 143 -8.83 -0.26 9.13
CA PHE A 143 -10.14 -0.58 8.60
C PHE A 143 -11.24 0.28 9.23
N GLU A 144 -11.23 0.42 10.57
CA GLU A 144 -12.25 1.20 11.23
C GLU A 144 -12.17 2.68 10.84
N THR A 145 -10.96 3.16 10.59
CA THR A 145 -10.77 4.54 10.17
C THR A 145 -11.35 4.71 8.77
N THR A 146 -11.10 3.72 7.90
CA THR A 146 -11.64 3.78 6.54
C THR A 146 -13.17 3.80 6.55
N CYS A 147 -13.77 2.93 7.37
CA CYS A 147 -15.23 2.88 7.47
C CYS A 147 -15.79 4.20 8.00
N HIS A 148 -15.11 4.84 8.96
CA HIS A 148 -15.57 6.15 9.43
C HIS A 148 -15.56 7.18 8.31
N ILE A 149 -14.47 7.20 7.53
CA ILE A 149 -14.36 8.10 6.40
C ILE A 149 -15.52 7.89 5.45
N PHE A 150 -15.83 6.62 5.15
CA PHE A 150 -16.90 6.31 4.23
C PHE A 150 -18.28 6.72 4.77
N GLY A 151 -18.40 6.71 6.11
CA GLY A 151 -19.69 6.94 6.77
C GLY A 151 -20.51 5.68 7.00
N ILE A 152 -19.84 4.55 7.28
CA ILE A 152 -20.49 3.30 7.56
C ILE A 152 -20.00 2.71 8.87
N GLU A 153 -20.82 1.79 9.39
CA GLU A 153 -20.37 0.95 10.48
C GLU A 153 -19.40 -0.10 9.93
N PRO A 154 -18.38 -0.51 10.70
CA PRO A 154 -17.45 -1.55 10.25
C PRO A 154 -18.08 -2.92 10.25
N THR A 155 -18.15 -3.55 9.08
CA THR A 155 -18.55 -4.94 8.95
C THR A 155 -17.71 -5.61 7.87
N GLU A 156 -17.66 -6.94 7.90
CA GLU A 156 -17.03 -7.77 6.86
C GLU A 156 -15.53 -7.51 6.77
N MET A 157 -14.89 -7.14 7.88
CA MET A 157 -13.45 -6.87 7.86
C MET A 157 -12.63 -8.06 7.36
N ASP A 158 -12.95 -9.27 7.84
CA ASP A 158 -12.15 -10.43 7.47
C ASP A 158 -12.24 -10.71 5.96
N ALA A 159 -13.47 -10.62 5.41
CA ALA A 159 -13.68 -10.84 4.00
C ALA A 159 -12.93 -9.79 3.20
N ILE A 160 -12.98 -8.54 3.68
CA ILE A 160 -12.39 -7.44 2.92
C ILE A 160 -10.89 -7.61 2.89
N GLN A 161 -10.30 -8.00 4.02
CA GLN A 161 -8.86 -8.27 4.00
C GLN A 161 -8.53 -9.43 3.07
N ARG A 162 -9.23 -10.54 3.18
CA ARG A 162 -8.97 -11.71 2.40
C ARG A 162 -9.11 -11.45 0.90
N LYS A 163 -10.21 -10.81 0.52
CA LYS A 163 -10.52 -10.65 -0.88
C LYS A 163 -9.62 -9.58 -1.49
N THR A 164 -9.20 -8.57 -0.72
CA THR A 164 -8.17 -7.64 -1.23
C THR A 164 -6.87 -8.37 -1.53
N TYR A 165 -6.42 -9.25 -0.61
CA TYR A 165 -5.21 -10.02 -0.83
C TYR A 165 -5.36 -10.94 -2.05
N GLU A 166 -6.52 -11.58 -2.21
CA GLU A 166 -6.78 -12.42 -3.37
C GLU A 166 -6.58 -11.59 -4.66
N ILE A 167 -7.18 -10.43 -4.71
CA ILE A 167 -7.04 -9.59 -5.89
C ILE A 167 -5.57 -9.26 -6.12
N GLY A 168 -4.85 -8.94 -5.03
CA GLY A 168 -3.43 -8.70 -5.07
C GLY A 168 -2.63 -9.80 -5.74
N LEU A 169 -3.06 -11.08 -5.56
CA LEU A 169 -2.34 -12.15 -6.22
C LEU A 169 -2.40 -12.04 -7.74
N SER A 170 -3.52 -11.58 -8.28
CA SER A 170 -3.62 -11.43 -9.73
C SER A 170 -2.97 -10.14 -10.23
N LEU A 171 -2.85 -9.13 -9.38
CA LEU A 171 -2.13 -7.91 -9.77
C LEU A 171 -0.64 -8.14 -9.86
N GLY A 172 -0.10 -9.10 -9.10
CA GLY A 172 1.28 -9.49 -9.23
C GLY A 172 1.54 -10.24 -10.54
N PRO A 173 2.68 -9.99 -11.19
CA PRO A 173 2.93 -10.60 -12.50
C PRO A 173 3.10 -12.10 -12.47
N GLY A 174 3.24 -12.71 -11.29
CA GLY A 174 3.25 -14.16 -11.23
C GLY A 174 1.89 -14.83 -11.05
N GLY A 175 0.80 -14.05 -11.02
CA GLY A 175 -0.52 -14.63 -10.79
C GLY A 175 -0.85 -15.72 -11.82
N ASN A 176 -1.61 -16.72 -11.38
CA ASN A 176 -1.94 -17.87 -12.20
C ASN A 176 -3.44 -17.94 -12.44
N ASP A 177 -3.87 -19.04 -13.08
CA ASP A 177 -5.27 -19.21 -13.50
C ASP A 177 -6.22 -19.35 -12.33
N GLU A 178 -5.86 -20.16 -11.31
CA GLU A 178 -6.67 -20.33 -10.12
C GLU A 178 -6.85 -18.98 -9.41
N GLU A 179 -5.76 -18.21 -9.32
CA GLU A 179 -5.80 -16.90 -8.69
C GLU A 179 -6.72 -15.95 -9.46
N ALA A 180 -6.69 -16.04 -10.80
CA ALA A 180 -7.56 -15.20 -11.60
C ALA A 180 -9.03 -15.44 -11.32
N ARG A 181 -9.42 -16.68 -11.15
CA ARG A 181 -10.84 -16.97 -10.90
C ARG A 181 -11.24 -16.44 -9.51
N ALA A 182 -10.35 -16.62 -8.54
CA ALA A 182 -10.63 -16.11 -7.18
C ALA A 182 -10.74 -14.58 -7.23
N THR A 183 -9.96 -13.95 -8.11
CA THR A 183 -10.02 -12.52 -8.25
C THR A 183 -11.37 -12.09 -8.80
N THR A 184 -11.86 -12.72 -9.87
CA THR A 184 -13.15 -12.29 -10.42
C THR A 184 -14.29 -12.52 -9.41
N GLU A 185 -14.17 -13.60 -8.65
CA GLU A 185 -15.11 -13.87 -7.57
C GLU A 185 -15.03 -12.79 -6.50
N ALA A 186 -13.82 -12.36 -6.16
CA ALA A 186 -13.65 -11.29 -5.18
C ALA A 186 -14.32 -10.00 -5.65
N PHE A 187 -14.13 -9.61 -6.93
CA PHE A 187 -14.73 -8.39 -7.39
C PHE A 187 -16.25 -8.48 -7.36
N ALA A 188 -16.81 -9.68 -7.65
CA ALA A 188 -18.27 -9.88 -7.61
C ALA A 188 -18.76 -9.75 -6.18
N TRP A 189 -18.01 -10.30 -5.22
CA TRP A 189 -18.35 -10.14 -3.80
C TRP A 189 -18.35 -8.66 -3.42
N PHE A 190 -17.31 -7.93 -3.81
CA PHE A 190 -17.18 -6.53 -3.46
C PHE A 190 -18.33 -5.72 -4.06
N ALA A 191 -18.66 -5.99 -5.34
CA ALA A 191 -19.67 -5.19 -5.99
C ALA A 191 -21.03 -5.44 -5.31
N GLU A 192 -21.29 -6.68 -4.88
CA GLU A 192 -22.55 -6.95 -4.23
C GLU A 192 -22.62 -6.26 -2.88
N HIS A 193 -21.54 -6.37 -2.09
CA HIS A 193 -21.43 -5.74 -0.78
C HIS A 193 -21.60 -4.23 -0.84
N ILE A 194 -20.84 -3.61 -1.77
CA ILE A 194 -20.83 -2.17 -1.93
C ILE A 194 -22.15 -1.64 -2.48
N ARG A 195 -22.78 -2.38 -3.40
CA ARG A 195 -24.09 -1.94 -3.88
C ARG A 195 -25.08 -1.88 -2.71
N ARG A 196 -25.00 -2.77 -1.75
CA ARG A 196 -25.87 -2.68 -0.60
C ARG A 196 -25.54 -1.46 0.26
N LEU A 197 -24.26 -1.16 0.45
CA LEU A 197 -23.85 0.03 1.18
C LEU A 197 -24.40 1.27 0.51
N VAL A 198 -24.29 1.34 -0.83
CA VAL A 198 -24.72 2.52 -1.55
C VAL A 198 -26.25 2.65 -1.45
N ALA A 199 -26.97 1.53 -1.66
CA ALA A 199 -28.44 1.56 -1.54
C ALA A 199 -28.85 2.10 -0.17
N ASP A 200 -28.20 1.62 0.88
CA ASP A 200 -28.50 2.09 2.24
C ASP A 200 -28.29 3.60 2.37
N LYS A 201 -27.22 4.12 1.77
CA LYS A 201 -26.93 5.54 1.83
C LYS A 201 -27.81 6.38 0.93
N ARG A 202 -28.34 5.82 -0.15
CA ARG A 202 -29.30 6.56 -0.96
C ARG A 202 -30.60 6.70 -0.15
N ALA A 203 -30.97 5.63 0.56
CA ALA A 203 -32.17 5.65 1.39
C ALA A 203 -32.00 6.51 2.64
N ARG A 204 -30.83 6.50 3.29
CA ARG A 204 -30.56 7.28 4.49
C ARG A 204 -29.24 8.01 4.37
N PRO A 205 -29.18 9.18 3.68
CA PRO A 205 -27.91 9.88 3.44
C PRO A 205 -27.20 10.32 4.70
N GLY A 206 -25.86 10.24 4.66
CA GLY A 206 -25.03 10.78 5.72
C GLY A 206 -24.09 11.83 5.14
N GLU A 207 -22.90 11.93 5.73
CA GLU A 207 -21.96 12.96 5.37
C GLU A 207 -20.58 12.36 5.14
N GLY A 208 -20.52 11.10 4.72
CA GLY A 208 -19.24 10.43 4.49
C GLY A 208 -18.85 10.37 3.02
N LEU A 209 -17.70 9.74 2.76
CA LEU A 209 -17.20 9.71 1.40
C LEU A 209 -18.13 8.91 0.49
N ILE A 210 -18.82 7.89 1.01
CA ILE A 210 -19.78 7.21 0.15
C ILE A 210 -20.89 8.17 -0.30
N ASP A 211 -21.33 9.03 0.63
CA ASP A 211 -22.34 10.02 0.29
C ASP A 211 -21.81 10.99 -0.79
N ALA A 212 -20.50 11.32 -0.74
CA ALA A 212 -19.89 12.20 -1.70
C ALA A 212 -19.81 11.54 -3.07
N PHE A 213 -19.54 10.22 -3.13
CA PHE A 213 -19.56 9.51 -4.41
C PHE A 213 -20.96 9.47 -5.00
N ILE A 214 -21.97 9.25 -4.16
CA ILE A 214 -23.36 9.27 -4.61
C ILE A 214 -23.73 10.62 -5.21
N ALA A 215 -23.33 11.69 -4.52
CA ALA A 215 -23.56 13.05 -5.01
C ALA A 215 -22.87 13.27 -6.35
N ALA A 216 -21.62 12.80 -6.48
CA ALA A 216 -20.91 12.95 -7.73
C ALA A 216 -21.59 12.19 -8.85
N GLN A 217 -22.10 10.99 -8.55
CA GLN A 217 -22.83 10.22 -9.53
C GLN A 217 -24.08 10.98 -9.98
N ASP A 218 -24.78 11.57 -9.02
CA ASP A 218 -26.05 12.23 -9.30
C ASP A 218 -25.83 13.53 -10.09
N GLU A 219 -24.64 14.12 -9.98
CA GLU A 219 -24.26 15.30 -10.77
C GLU A 219 -23.66 14.92 -12.12
N GLY A 220 -23.60 13.62 -12.44
CA GLY A 220 -23.03 13.15 -13.71
C GLY A 220 -21.51 13.16 -13.79
N ARG A 221 -20.79 13.24 -12.66
CA ARG A 221 -19.34 13.29 -12.69
C ARG A 221 -18.70 11.90 -12.58
N MET A 222 -19.46 10.87 -12.18
CA MET A 222 -19.01 9.48 -12.11
C MET A 222 -20.16 8.60 -12.56
N THR A 223 -19.86 7.43 -13.08
CA THR A 223 -20.82 6.38 -13.37
C THR A 223 -21.07 5.52 -12.13
N GLU A 224 -22.13 4.72 -12.19
CA GLU A 224 -22.46 3.81 -11.11
C GLU A 224 -21.31 2.83 -10.86
N GLU A 225 -20.74 2.27 -11.92
CA GLU A 225 -19.61 1.35 -11.74
C GLU A 225 -18.38 2.07 -11.16
N GLU A 226 -18.15 3.32 -11.54
CA GLU A 226 -17.05 4.10 -10.98
C GLU A 226 -17.27 4.29 -9.49
N VAL A 227 -18.51 4.53 -9.05
CA VAL A 227 -18.79 4.63 -7.63
C VAL A 227 -18.44 3.31 -6.91
N VAL A 228 -18.95 2.18 -7.43
CA VAL A 228 -18.79 0.89 -6.78
C VAL A 228 -17.32 0.51 -6.69
N TYR A 229 -16.60 0.60 -7.79
CA TYR A 229 -15.22 0.12 -7.74
C TYR A 229 -14.29 1.14 -7.10
N SER A 230 -14.64 2.44 -7.09
CA SER A 230 -13.87 3.43 -6.37
C SER A 230 -14.00 3.17 -4.86
N ILE A 231 -15.20 2.77 -4.38
CA ILE A 231 -15.31 2.36 -2.98
C ILE A 231 -14.44 1.14 -2.69
N PHE A 232 -14.48 0.13 -3.56
CA PHE A 232 -13.54 -1.00 -3.49
C PHE A 232 -12.09 -0.51 -3.32
N LEU A 233 -11.65 0.42 -4.20
CA LEU A 233 -10.25 0.84 -4.16
C LEU A 233 -9.93 1.41 -2.77
N PHE A 234 -10.81 2.25 -2.22
CA PHE A 234 -10.55 2.84 -0.91
C PHE A 234 -10.65 1.85 0.24
N PHE A 235 -11.43 0.78 0.10
CA PHE A 235 -11.40 -0.32 1.07
C PHE A 235 -10.03 -0.97 1.08
N ALA A 236 -9.51 -1.22 -0.13
CA ALA A 236 -8.23 -1.91 -0.30
C ALA A 236 -7.08 -1.03 0.19
N VAL A 237 -6.91 0.18 -0.36
CA VAL A 237 -5.77 1.02 0.01
C VAL A 237 -5.92 1.57 1.42
N GLY A 238 -7.12 1.59 1.97
CA GLY A 238 -7.31 2.05 3.33
C GLY A 238 -6.65 1.14 4.35
N HIS A 239 -6.34 -0.09 3.98
CA HIS A 239 -5.72 -0.98 4.95
C HIS A 239 -4.47 -1.71 4.47
N LEU A 240 -4.29 -1.90 3.16
CA LEU A 240 -3.35 -2.89 2.67
C LEU A 240 -1.87 -2.55 2.89
N ASP A 241 -1.39 -1.42 2.35
CA ASP A 241 0.02 -1.12 2.46
C ASP A 241 0.31 -0.47 3.82
N VAL A 242 -0.64 0.31 4.32
CA VAL A 242 -0.48 0.96 5.60
C VAL A 242 -0.39 -0.05 6.72
N LYS A 243 -1.09 -1.20 6.65
CA LYS A 243 -0.93 -2.15 7.76
C LYS A 243 0.44 -2.77 7.71
N HIS A 244 1.06 -2.88 6.51
CA HIS A 244 2.40 -3.44 6.46
C HIS A 244 3.40 -2.46 7.10
N LEU A 245 3.28 -1.16 6.79
CA LEU A 245 4.10 -0.16 7.46
C LEU A 245 4.03 -0.31 8.99
N ILE A 246 2.79 -0.41 9.48
CA ILE A 246 2.61 -0.59 10.92
C ILE A 246 3.21 -1.89 11.42
N ASN A 247 2.87 -3.02 10.79
CA ASN A 247 3.33 -4.35 11.20
C ASN A 247 4.86 -4.40 11.21
N HIS A 248 5.46 -3.97 10.11
CA HIS A 248 6.91 -4.07 9.98
C HIS A 248 7.59 -3.13 11.00
N GLY A 249 7.02 -1.96 11.30
CA GLY A 249 7.57 -1.05 12.28
C GLY A 249 7.51 -1.64 13.69
N ILE A 250 6.37 -2.25 14.03
CA ILE A 250 6.25 -2.92 15.33
C ILE A 250 7.26 -4.07 15.44
N TRP A 251 7.35 -4.90 14.39
CA TRP A 251 8.35 -5.96 14.39
C TRP A 251 9.76 -5.40 14.58
N LEU A 252 10.11 -4.30 13.89
CA LEU A 252 11.43 -3.73 14.04
C LEU A 252 11.66 -3.26 15.48
N MET A 253 10.64 -2.70 16.14
CA MET A 253 10.77 -2.28 17.53
C MET A 253 11.03 -3.48 18.43
N THR A 254 10.49 -4.65 18.11
CA THR A 254 10.76 -5.83 18.93
C THR A 254 12.24 -6.26 18.80
N GLN A 255 12.87 -5.93 17.67
CA GLN A 255 14.23 -6.37 17.40
C GLN A 255 15.24 -5.29 17.81
N ARG A 256 14.82 -4.02 17.86
CA ARG A 256 15.67 -2.86 17.97
C ARG A 256 15.09 -1.92 19.02
N PRO A 257 15.36 -2.16 20.31
CA PRO A 257 14.83 -1.30 21.37
C PRO A 257 15.27 0.16 21.25
N GLU A 258 16.38 0.43 20.56
CA GLU A 258 16.80 1.80 20.34
C GLU A 258 15.82 2.55 19.45
N LEU A 259 15.09 1.81 18.58
CA LEU A 259 14.12 2.43 17.70
C LEU A 259 12.87 2.83 18.48
N PHE A 260 12.46 2.00 19.45
CA PHE A 260 11.38 2.30 20.37
C PHE A 260 11.70 3.61 21.10
N ALA A 261 12.91 3.66 21.69
CA ALA A 261 13.33 4.82 22.48
C ALA A 261 13.40 6.09 21.64
N ALA A 262 13.93 5.99 20.41
CA ALA A 262 14.04 7.14 19.56
C ALA A 262 12.66 7.69 19.19
N TYR A 263 11.72 6.79 18.83
CA TYR A 263 10.38 7.25 18.48
C TYR A 263 9.76 8.02 19.63
N ARG A 264 9.99 7.55 20.85
CA ARG A 264 9.40 8.20 22.04
C ARG A 264 10.16 9.48 22.41
N ASP A 265 11.48 9.43 22.38
CA ASP A 265 12.30 10.55 22.92
C ASP A 265 12.72 11.57 21.87
N GLU A 266 12.64 11.23 20.59
CA GLU A 266 13.08 12.16 19.56
C GLU A 266 11.98 12.39 18.54
N PRO A 267 10.99 13.23 18.83
CA PRO A 267 9.92 13.49 17.86
C PRO A 267 10.39 13.89 16.47
N GLU A 268 11.52 14.62 16.39
CA GLU A 268 12.05 15.09 15.12
C GLU A 268 12.58 13.92 14.28
N ALA A 269 12.85 12.78 14.90
CA ALA A 269 13.35 11.59 14.21
C ALA A 269 12.21 10.78 13.58
N ARG A 270 10.95 11.09 13.88
CA ARG A 270 9.85 10.19 13.54
C ARG A 270 9.65 10.06 12.02
N PRO A 271 9.65 11.14 11.21
CA PRO A 271 9.53 10.96 9.75
C PRO A 271 10.63 10.06 9.19
N GLY A 272 11.85 10.23 9.67
CA GLY A 272 12.98 9.43 9.26
C GLY A 272 12.77 7.96 9.58
N ILE A 273 12.19 7.67 10.74
CA ILE A 273 11.92 6.27 11.08
C ILE A 273 10.84 5.70 10.15
N ILE A 274 9.73 6.42 9.94
CA ILE A 274 8.68 5.96 9.04
C ILE A 274 9.29 5.72 7.66
N ASN A 275 10.05 6.68 7.18
CA ASN A 275 10.62 6.58 5.85
C ASN A 275 11.55 5.38 5.72
N GLU A 276 12.33 5.08 6.77
CA GLU A 276 13.30 4.02 6.68
C GLU A 276 12.61 2.66 6.78
N ILE A 277 11.49 2.57 7.52
CA ILE A 277 10.69 1.35 7.47
C ILE A 277 10.19 1.14 6.04
N LEU A 278 9.65 2.18 5.41
CA LEU A 278 9.14 2.02 4.06
C LEU A 278 10.25 1.68 3.07
N ARG A 279 11.41 2.32 3.18
CA ARG A 279 12.47 2.11 2.22
C ARG A 279 13.00 0.68 2.28
N ILE A 280 13.14 0.12 3.47
CA ILE A 280 13.87 -1.13 3.63
C ILE A 280 12.97 -2.30 3.21
N ASP A 281 11.64 -2.16 3.29
CA ASP A 281 10.76 -3.26 2.89
C ASP A 281 9.50 -2.68 2.25
N THR A 282 9.65 -2.19 1.03
CA THR A 282 8.63 -1.44 0.31
C THR A 282 7.36 -2.29 0.24
N PRO A 283 6.18 -1.78 0.73
CA PRO A 283 4.99 -2.62 0.81
C PRO A 283 4.51 -3.19 -0.52
N GLU A 284 4.57 -2.38 -1.56
CA GLU A 284 4.25 -2.80 -2.92
C GLU A 284 5.55 -2.72 -3.71
N SER A 285 5.90 -3.78 -4.40
CA SER A 285 7.24 -3.89 -4.97
C SER A 285 7.39 -3.08 -6.25
N MET A 286 6.31 -2.94 -7.01
CA MET A 286 6.42 -2.44 -8.36
C MET A 286 5.11 -1.76 -8.75
N VAL A 287 5.19 -0.96 -9.80
CA VAL A 287 4.00 -0.45 -10.47
C VAL A 287 4.20 -0.76 -11.94
N VAL A 288 3.09 -1.05 -12.62
CA VAL A 288 3.17 -1.45 -14.02
C VAL A 288 2.57 -0.38 -14.92
N ARG A 289 3.17 -0.22 -16.11
CA ARG A 289 2.78 0.79 -17.08
C ARG A 289 2.91 0.20 -18.48
N LEU A 290 2.16 0.77 -19.43
CA LEU A 290 2.35 0.44 -20.86
C LEU A 290 3.01 1.62 -21.58
N THR A 291 4.02 1.34 -22.42
CA THR A 291 4.53 2.40 -23.27
C THR A 291 3.54 2.77 -24.38
N THR A 292 3.51 4.05 -24.73
CA THR A 292 2.72 4.56 -25.85
C THR A 292 3.60 5.15 -26.95
N GLN A 293 4.89 5.18 -26.70
CA GLN A 293 5.84 5.66 -27.71
C GLN A 293 7.18 4.95 -27.47
N ASP A 294 8.06 4.98 -28.46
CA ASP A 294 9.41 4.41 -28.25
C ASP A 294 9.99 5.13 -27.03
N THR A 295 10.43 4.37 -26.03
CA THR A 295 10.88 4.96 -24.74
C THR A 295 12.34 4.58 -24.45
N VAL A 296 13.22 5.59 -24.38
CA VAL A 296 14.64 5.39 -24.08
C VAL A 296 14.82 5.25 -22.57
N ILE A 297 15.41 4.12 -22.14
CA ILE A 297 15.71 3.85 -20.74
C ILE A 297 17.19 3.47 -20.68
N GLY A 298 18.06 4.45 -20.42
CA GLY A 298 19.49 4.17 -20.43
C GLY A 298 19.95 3.76 -21.82
N ASP A 299 20.50 2.54 -21.93
CA ASP A 299 21.02 2.01 -23.18
C ASP A 299 20.01 1.15 -23.96
N THR A 300 18.74 1.08 -23.51
CA THR A 300 17.73 0.24 -24.14
C THR A 300 16.62 1.18 -24.63
N THR A 301 16.10 0.93 -25.83
CA THR A 301 14.91 1.61 -26.29
C THR A 301 13.78 0.58 -26.29
N VAL A 302 12.73 0.86 -25.51
CA VAL A 302 11.60 -0.06 -25.45
C VAL A 302 10.58 0.43 -26.46
N PRO A 303 10.10 -0.44 -27.37
CA PRO A 303 9.07 -0.04 -28.33
C PRO A 303 7.77 0.43 -27.65
N ALA A 304 6.99 1.27 -28.35
CA ALA A 304 5.60 1.47 -27.97
C ALA A 304 4.86 0.13 -27.88
N GLY A 305 3.92 0.03 -26.95
CA GLY A 305 3.09 -1.16 -26.79
C GLY A 305 3.67 -2.24 -25.88
N GLU A 306 4.63 -1.88 -25.04
CA GLU A 306 5.26 -2.86 -24.16
C GLU A 306 4.99 -2.52 -22.70
N ALA A 307 4.82 -3.56 -21.88
CA ALA A 307 4.56 -3.38 -20.46
C ALA A 307 5.90 -3.25 -19.72
N LEU A 308 5.97 -2.29 -18.80
CA LEU A 308 7.13 -2.01 -17.97
C LEU A 308 6.74 -2.28 -16.53
N ALA A 309 7.61 -2.94 -15.79
CA ALA A 309 7.47 -3.06 -14.35
C ALA A 309 8.52 -2.14 -13.72
N LEU A 310 8.05 -1.10 -13.02
CA LEU A 310 8.94 -0.13 -12.41
C LEU A 310 9.16 -0.61 -10.98
N LEU A 311 10.35 -1.14 -10.70
CA LEU A 311 10.59 -1.83 -9.43
C LEU A 311 10.93 -0.80 -8.35
N ILE A 312 9.89 -0.23 -7.72
CA ILE A 312 10.12 0.73 -6.65
C ILE A 312 10.89 0.08 -5.47
N ALA A 313 10.70 -1.20 -5.19
CA ALA A 313 11.38 -1.84 -4.10
C ALA A 313 12.89 -1.91 -4.37
N SER A 314 13.27 -2.10 -5.63
CA SER A 314 14.68 -2.12 -6.03
C SER A 314 15.27 -0.70 -5.99
N ALA A 315 14.52 0.27 -6.53
CA ALA A 315 14.94 1.67 -6.45
C ALA A 315 15.27 2.05 -5.01
N ASN A 316 14.46 1.56 -4.07
CA ASN A 316 14.62 1.91 -2.67
C ASN A 316 15.85 1.26 -2.05
N ARG A 317 16.46 0.32 -2.74
CA ARG A 317 17.70 -0.34 -2.23
C ARG A 317 18.85 -0.07 -3.20
N ASP A 318 18.76 1.00 -3.96
CA ASP A 318 19.79 1.32 -4.98
C ASP A 318 20.95 2.08 -4.34
N PRO A 319 22.18 1.53 -4.35
CA PRO A 319 23.28 2.21 -3.66
C PRO A 319 23.73 3.51 -4.31
N GLU A 320 23.24 3.81 -5.51
CA GLU A 320 23.55 5.11 -6.14
C GLU A 320 22.81 6.22 -5.38
N VAL A 321 21.77 5.88 -4.61
CA VAL A 321 21.02 6.87 -3.88
C VAL A 321 21.15 6.66 -2.37
N PHE A 322 21.09 5.40 -1.90
CA PHE A 322 21.13 5.06 -0.49
C PHE A 322 22.39 4.28 -0.15
N ALA A 323 23.31 4.91 0.58
CA ALA A 323 24.55 4.27 0.96
C ALA A 323 24.27 3.08 1.88
N ASP A 324 24.99 1.99 1.63
CA ASP A 324 24.82 0.74 2.38
C ASP A 324 23.32 0.39 2.43
N PRO A 325 22.70 0.18 1.25
CA PRO A 325 21.23 0.17 1.15
C PRO A 325 20.51 -0.98 1.83
N ASP A 326 21.23 -2.08 2.13
CA ASP A 326 20.60 -3.25 2.72
C ASP A 326 20.63 -3.15 4.25
N THR A 327 21.16 -2.04 4.78
CA THR A 327 21.22 -1.82 6.22
C THR A 327 20.11 -0.88 6.64
N PHE A 328 19.43 -1.19 7.75
CA PHE A 328 18.43 -0.29 8.30
C PHE A 328 19.14 0.78 9.10
N ASP A 329 18.91 2.04 8.74
CA ASP A 329 19.45 3.19 9.45
C ASP A 329 18.44 4.33 9.43
N HIS A 330 17.80 4.59 10.58
CA HIS A 330 16.80 5.64 10.65
C HIS A 330 17.38 7.05 10.64
N THR A 331 18.71 7.18 10.74
CA THR A 331 19.38 8.47 10.84
C THR A 331 19.90 8.92 9.46
N ARG A 332 19.44 8.31 8.36
CA ARG A 332 19.92 8.72 7.04
C ARG A 332 19.63 10.19 6.73
N PRO A 333 20.51 10.80 5.91
CA PRO A 333 20.31 12.13 5.37
C PRO A 333 18.90 12.39 4.83
N LEU A 334 18.39 13.59 5.06
CA LEU A 334 17.12 14.01 4.49
C LEU A 334 16.01 13.05 4.93
N ALA A 335 16.16 12.46 6.13
CA ALA A 335 15.15 11.57 6.68
C ALA A 335 14.76 10.44 5.71
N ALA A 336 15.69 9.97 4.86
CA ALA A 336 15.39 8.89 3.91
C ALA A 336 14.20 9.25 3.02
N SER A 337 13.96 10.56 2.81
CA SER A 337 12.77 11.05 2.14
C SER A 337 12.84 10.82 0.63
N GLN A 338 13.99 10.39 0.08
CA GLN A 338 14.08 10.14 -1.36
C GLN A 338 13.37 8.83 -1.78
N HIS A 339 12.91 8.00 -0.84
CA HIS A 339 12.34 6.71 -1.24
C HIS A 339 11.09 6.91 -2.09
N LEU A 340 10.77 5.88 -2.88
CA LEU A 340 9.66 5.91 -3.82
C LEU A 340 8.53 4.99 -3.37
N ALA A 341 8.40 4.66 -2.07
CA ALA A 341 7.36 3.73 -1.64
C ALA A 341 5.94 4.23 -1.95
N PHE A 342 5.72 5.52 -1.97
CA PHE A 342 4.43 6.10 -2.28
C PHE A 342 4.28 6.38 -3.76
N GLY A 343 5.18 5.88 -4.58
CA GLY A 343 5.18 6.22 -6.00
C GLY A 343 5.47 7.69 -6.21
N SER A 344 5.14 8.16 -7.42
CA SER A 344 5.35 9.55 -7.78
C SER A 344 4.57 9.81 -9.07
N GLY A 345 4.63 11.04 -9.56
CA GLY A 345 3.91 11.33 -10.79
C GLY A 345 2.40 11.35 -10.55
N MET A 346 1.65 11.20 -11.65
CA MET A 346 0.21 11.41 -11.65
C MET A 346 -0.51 10.49 -10.65
N HIS A 347 0.00 9.26 -10.52
CA HIS A 347 -0.65 8.25 -9.70
C HIS A 347 -0.04 8.16 -8.31
N GLY A 348 0.85 9.08 -7.94
CA GLY A 348 1.50 9.07 -6.63
C GLY A 348 0.45 9.06 -5.53
N CYS A 349 0.71 8.23 -4.52
CA CYS A 349 -0.28 7.83 -3.54
C CYS A 349 -1.16 9.01 -3.10
N ALA A 350 -2.47 8.82 -3.24
CA ALA A 350 -3.43 9.82 -2.81
C ALA A 350 -3.62 9.83 -1.30
N GLY A 351 -3.10 8.79 -0.64
CA GLY A 351 -3.36 8.57 0.78
C GLY A 351 -2.14 8.80 1.66
N GLN A 352 -1.05 9.35 1.09
CA GLN A 352 0.22 9.41 1.81
C GLN A 352 0.10 10.13 3.17
N VAL A 353 -0.62 11.26 3.20
CA VAL A 353 -0.74 12.02 4.43
C VAL A 353 -1.48 11.17 5.47
N LEU A 354 -2.57 10.53 5.05
CA LEU A 354 -3.30 9.66 6.00
C LEU A 354 -2.43 8.49 6.45
N ALA A 355 -1.71 7.83 5.53
CA ALA A 355 -0.91 6.66 5.89
C ALA A 355 0.14 7.02 6.93
N ARG A 356 0.82 8.15 6.73
CA ARG A 356 1.88 8.54 7.64
C ARG A 356 1.29 8.89 9.01
N ALA A 357 0.10 9.49 9.00
CA ALA A 357 -0.62 9.80 10.23
C ALA A 357 -1.01 8.53 10.99
N GLU A 358 -1.58 7.55 10.29
CA GLU A 358 -2.03 6.31 10.91
C GLU A 358 -0.85 5.61 11.55
N ALA A 359 0.27 5.53 10.82
CA ALA A 359 1.42 4.80 11.35
C ALA A 359 1.94 5.54 12.58
N ASP A 360 2.06 6.86 12.49
CA ASP A 360 2.57 7.68 13.59
C ASP A 360 1.70 7.49 14.83
N ILE A 361 0.39 7.41 14.63
CA ILE A 361 -0.53 7.25 15.75
C ILE A 361 -0.26 5.91 16.45
N VAL A 362 -0.14 4.82 15.67
CA VAL A 362 0.16 3.54 16.30
C VAL A 362 1.49 3.60 17.06
N PHE A 363 2.55 4.05 16.40
CA PHE A 363 3.86 3.99 17.03
C PHE A 363 3.91 4.90 18.26
N SER A 364 3.39 6.14 18.15
CA SER A 364 3.37 7.07 19.28
C SER A 364 2.51 6.54 20.43
N SER A 365 1.38 5.91 20.14
CA SER A 365 0.51 5.36 21.19
C SER A 365 1.26 4.28 21.94
N ILE A 366 1.95 3.41 21.22
CA ILE A 366 2.71 2.35 21.83
C ILE A 366 3.80 2.92 22.73
N VAL A 367 4.67 3.78 22.20
CA VAL A 367 5.87 4.17 22.95
C VAL A 367 5.54 5.15 24.09
N ASN A 368 4.39 5.83 24.03
CA ASN A 368 4.03 6.73 25.10
C ASN A 368 3.32 5.96 26.22
N ARG A 369 2.92 4.71 25.99
CA ARG A 369 2.16 3.99 27.01
C ARG A 369 2.91 2.82 27.64
N PHE A 370 3.88 2.24 26.94
CA PHE A 370 4.57 1.02 27.34
C PHE A 370 6.06 1.28 27.38
N SER A 371 6.78 0.42 28.11
CA SER A 371 8.22 0.53 28.22
C SER A 371 8.91 -0.22 27.09
N GLY A 372 8.23 -1.21 26.52
CA GLY A 372 8.83 -1.98 25.45
C GLY A 372 7.80 -2.91 24.81
N VAL A 373 8.19 -3.51 23.70
CA VAL A 373 7.37 -4.52 23.03
C VAL A 373 8.32 -5.63 22.62
N GLU A 374 7.87 -6.87 22.77
CA GLU A 374 8.68 -8.01 22.41
C GLU A 374 7.82 -8.99 21.63
N LEU A 375 8.46 -9.91 20.88
CA LEU A 375 7.74 -10.98 20.21
C LEU A 375 7.31 -12.01 21.23
N ALA A 376 6.07 -12.48 21.07
CA ALA A 376 5.47 -13.46 21.96
C ALA A 376 5.21 -14.75 21.23
N GLY A 377 5.77 -14.86 20.04
CA GLY A 377 5.64 -16.03 19.19
C GLY A 377 6.31 -15.74 17.86
N GLU A 378 6.20 -16.67 16.92
CA GLU A 378 6.80 -16.56 15.60
C GLU A 378 5.81 -15.81 14.68
N PRO A 379 6.23 -14.72 14.02
CA PRO A 379 5.36 -14.07 13.04
C PRO A 379 5.07 -15.03 11.89
N ALA A 380 3.99 -14.77 11.15
CA ALA A 380 3.65 -15.51 9.94
C ALA A 380 3.58 -14.50 8.81
N TYR A 381 3.91 -15.00 7.62
CA TYR A 381 4.08 -14.21 6.41
C TYR A 381 3.25 -14.79 5.26
N ALA A 382 2.99 -13.96 4.26
CA ALA A 382 2.38 -14.39 3.01
C ALA A 382 2.89 -13.48 1.89
N HIS A 383 4.19 -13.34 1.83
CA HIS A 383 4.79 -12.45 0.87
C HIS A 383 4.55 -12.95 -0.56
N THR A 384 4.41 -11.99 -1.47
CA THR A 384 4.42 -12.33 -2.89
C THR A 384 5.46 -11.49 -3.60
N GLU A 385 5.55 -11.66 -4.92
CA GLU A 385 6.39 -10.80 -5.74
C GLU A 385 5.92 -9.36 -5.77
N PHE A 386 4.68 -9.10 -5.34
CA PHE A 386 4.09 -7.78 -5.40
C PHE A 386 3.88 -7.21 -4.00
N LEU A 387 3.42 -8.04 -3.07
CA LEU A 387 3.05 -7.51 -1.73
C LEU A 387 3.86 -8.13 -0.58
N ARG A 388 4.41 -7.27 0.27
CA ARG A 388 5.04 -7.79 1.50
C ARG A 388 3.87 -7.96 2.48
N THR A 389 3.80 -9.11 3.13
CA THR A 389 2.62 -9.38 3.97
C THR A 389 2.97 -10.11 5.27
N ILE A 390 2.75 -9.44 6.39
CA ILE A 390 2.80 -10.06 7.71
C ILE A 390 1.36 -10.41 8.09
N THR A 391 1.07 -11.71 8.20
CA THR A 391 -0.29 -12.14 8.47
C THR A 391 -0.60 -12.23 9.96
N HIS A 392 0.42 -12.43 10.77
CA HIS A 392 0.24 -12.59 12.21
C HIS A 392 1.50 -12.15 12.90
N LEU A 393 1.32 -11.32 13.92
CA LEU A 393 2.44 -10.69 14.59
C LEU A 393 2.15 -10.71 16.08
N PRO A 394 2.50 -11.84 16.72
CA PRO A 394 2.21 -11.99 18.16
C PRO A 394 3.22 -11.27 19.02
N VAL A 395 2.75 -10.29 19.81
CA VAL A 395 3.62 -9.47 20.62
C VAL A 395 3.11 -9.43 22.07
N ARG A 396 4.03 -8.99 22.93
CA ARG A 396 3.73 -8.69 24.34
C ARG A 396 4.27 -7.31 24.68
N PHE A 397 3.43 -6.48 25.27
CA PHE A 397 3.85 -5.15 25.68
C PHE A 397 4.17 -5.21 27.17
N ARG A 398 5.08 -4.32 27.63
CA ARG A 398 5.34 -4.20 29.07
C ARG A 398 5.58 -2.74 29.49
#